data_4CWB
#
_entry.id   4CWB
#
_cell.length_a   83.817
_cell.length_b   83.817
_cell.length_c   52.040
_cell.angle_alpha   90.00
_cell.angle_beta   90.00
_cell.angle_gamma   120.00
#
_symmetry.space_group_name_H-M   'P 61'
#
loop_
_entity.id
_entity.type
_entity.pdbx_description
1 polymer 7,8-DIHYDRO-6-HYDROXYMETHYLPTERIN-PYROPHOSPHOKINASE
2 non-polymer 'MAGNESIUM ION'
3 non-polymer 'DIPHOSPHOMETHYLPHOSPHONIC ACID ADENOSYL ESTER'
4 non-polymer 'NITRATE ION'
5 non-polymer 2-amino-8-[2-oxo-2-(4-phenylphenyl)ethyl]sulfanyl-1,9-dihydropurin-6-one
6 water water
#
_entity_poly.entity_id   1
_entity_poly.type   'polypeptide(L)'
_entity_poly.pdbx_seq_one_letter_code
;GSHMIQAYLGLGSNIGDRESQLNDAIKILNEYDGISVSNISPIYETAPVGYTEQPNFLNLCVEIQTTLTVLQLLECCLKT
EECLHRIRKERWGPRTLDVDILLYGEEMIDLPKLSVPHPRMNERAFVLIPLNDIAANVVEPRSKLKVKDLVFVDDSVKRY
K
;
_entity_poly.pdbx_strand_id   A
#
loop_
_chem_comp.id
_chem_comp.type
_chem_comp.name
_chem_comp.formula
APC non-polymer 'DIPHOSPHOMETHYLPHOSPHONIC ACID ADENOSYL ESTER' 'C11 H18 N5 O12 P3'
MG non-polymer 'MAGNESIUM ION' 'Mg 2'
NO3 non-polymer 'NITRATE ION' 'N O3 -1'
X6L non-polymer 2-amino-8-[2-oxo-2-(4-phenylphenyl)ethyl]sulfanyl-1,9-dihydropurin-6-one 'C19 H15 N5 O2 S'
#
# COMPACT_ATOMS: atom_id res chain seq x y z
N HIS A 3 -15.21 1.45 17.35
CA HIS A 3 -14.42 2.64 16.90
C HIS A 3 -13.42 2.26 15.80
N MET A 4 -13.44 3.02 14.72
CA MET A 4 -12.56 2.74 13.59
C MET A 4 -11.40 3.71 13.60
N ILE A 5 -10.26 3.22 13.14
CA ILE A 5 -9.12 4.10 12.84
C ILE A 5 -8.89 4.08 11.33
N GLN A 6 -8.35 5.20 10.85
N GLN A 6 -8.39 5.20 10.82
CA GLN A 6 -8.02 5.42 9.46
CA GLN A 6 -8.09 5.31 9.40
C GLN A 6 -6.58 4.95 9.24
C GLN A 6 -6.62 4.98 9.20
N ALA A 7 -6.38 4.08 8.25
CA ALA A 7 -5.05 3.61 7.89
C ALA A 7 -4.90 3.68 6.39
N TYR A 8 -3.66 3.63 5.93
CA TYR A 8 -3.35 3.72 4.51
C TYR A 8 -2.45 2.55 4.13
N LEU A 9 -2.79 1.91 3.01
CA LEU A 9 -2.08 0.78 2.47
C LEU A 9 -1.54 1.11 1.09
N GLY A 10 -0.37 0.55 0.79
CA GLY A 10 0.25 0.68 -0.52
C GLY A 10 0.15 -0.66 -1.22
N LEU A 11 -0.33 -0.66 -2.48
CA LEU A 11 -0.48 -1.90 -3.22
C LEU A 11 0.39 -1.83 -4.46
N GLY A 12 0.94 -2.99 -4.84
CA GLY A 12 1.79 -3.08 -6.02
C GLY A 12 1.66 -4.43 -6.67
N SER A 13 1.83 -4.46 -8.00
CA SER A 13 1.87 -5.73 -8.73
C SER A 13 2.75 -5.53 -9.95
N ASN A 14 3.61 -6.51 -10.25
CA ASN A 14 4.35 -6.48 -11.51
C ASN A 14 4.41 -7.83 -12.20
N ILE A 15 3.38 -8.64 -12.01
CA ILE A 15 3.29 -9.93 -12.71
C ILE A 15 1.90 -10.10 -13.27
N GLY A 16 1.83 -10.39 -14.56
CA GLY A 16 0.56 -10.80 -15.15
C GLY A 16 -0.38 -9.64 -15.38
N ASP A 17 -1.66 -9.89 -15.19
CA ASP A 17 -2.68 -8.88 -15.38
C ASP A 17 -2.76 -8.04 -14.11
N ARG A 18 -1.87 -7.05 -14.07
CA ARG A 18 -1.58 -6.30 -12.83
C ARG A 18 -2.80 -5.59 -12.33
N GLU A 19 -3.52 -4.94 -13.25
CA GLU A 19 -4.73 -4.20 -12.84
C GLU A 19 -5.80 -5.11 -12.25
N SER A 20 -6.02 -6.30 -12.82
CA SER A 20 -6.95 -7.28 -12.27
CA SER A 20 -6.96 -7.25 -12.25
C SER A 20 -6.54 -7.72 -10.88
N GLN A 21 -5.24 -7.93 -10.69
CA GLN A 21 -4.80 -8.40 -9.40
C GLN A 21 -4.98 -7.33 -8.34
N LEU A 22 -4.71 -6.08 -8.70
CA LEU A 22 -4.97 -4.97 -7.78
C LEU A 22 -6.45 -4.81 -7.46
N ASN A 23 -7.32 -4.93 -8.46
N ASN A 23 -7.30 -4.93 -8.50
CA ASN A 23 -8.74 -4.78 -8.18
CA ASN A 23 -8.74 -4.87 -8.30
C ASN A 23 -9.30 -5.96 -7.37
C ASN A 23 -9.22 -5.95 -7.35
N ASP A 24 -8.79 -7.18 -7.59
CA ASP A 24 -9.15 -8.31 -6.73
C ASP A 24 -8.66 -8.11 -5.29
N ALA A 25 -7.46 -7.55 -5.13
CA ALA A 25 -6.92 -7.27 -3.81
C ALA A 25 -7.82 -6.29 -3.03
N ILE A 26 -8.27 -5.25 -3.69
CA ILE A 26 -9.15 -4.28 -3.02
C ILE A 26 -10.45 -4.95 -2.60
N LYS A 27 -11.03 -5.75 -3.49
N LYS A 27 -11.03 -5.75 -3.48
CA LYS A 27 -12.24 -6.50 -3.19
CA LYS A 27 -12.27 -6.46 -3.16
C LYS A 27 -12.07 -7.38 -1.96
C LYS A 27 -12.08 -7.39 -1.95
N ILE A 28 -10.96 -8.12 -1.92
CA ILE A 28 -10.67 -9.05 -0.83
C ILE A 28 -10.44 -8.28 0.47
N LEU A 29 -9.66 -7.20 0.42
CA LEU A 29 -9.43 -6.40 1.63
C LEU A 29 -10.74 -5.91 2.21
N ASN A 30 -11.64 -5.45 1.34
CA ASN A 30 -12.94 -4.95 1.78
C ASN A 30 -13.86 -6.04 2.37
N GLU A 31 -13.51 -7.31 2.16
CA GLU A 31 -14.28 -8.46 2.67
C GLU A 31 -13.87 -8.96 4.07
N TYR A 32 -12.69 -8.58 4.56
CA TYR A 32 -12.32 -8.98 5.92
C TYR A 32 -13.20 -8.29 6.95
N ASP A 33 -13.65 -9.05 7.95
CA ASP A 33 -14.35 -8.46 9.08
CA ASP A 33 -14.34 -8.45 9.08
C ASP A 33 -13.38 -7.46 9.72
N GLY A 34 -13.84 -6.23 9.92
CA GLY A 34 -13.00 -5.22 10.51
C GLY A 34 -12.22 -4.33 9.57
N ILE A 35 -12.37 -4.54 8.25
CA ILE A 35 -11.77 -3.62 7.26
C ILE A 35 -12.81 -3.17 6.26
N SER A 36 -12.84 -1.87 6.01
N SER A 36 -12.89 -1.86 6.06
CA SER A 36 -13.65 -1.28 4.97
CA SER A 36 -13.65 -1.30 4.94
C SER A 36 -12.78 -0.35 4.13
C SER A 36 -12.68 -0.43 4.15
N VAL A 37 -12.67 -0.60 2.83
CA VAL A 37 -11.88 0.26 1.95
C VAL A 37 -12.70 1.52 1.74
N SER A 38 -12.15 2.66 2.16
CA SER A 38 -12.90 3.90 2.18
C SER A 38 -12.44 4.94 1.17
N ASN A 39 -11.27 4.77 0.56
CA ASN A 39 -10.81 5.66 -0.50
C ASN A 39 -9.79 4.94 -1.36
N ILE A 40 -9.79 5.22 -2.66
CA ILE A 40 -8.93 4.50 -3.63
C ILE A 40 -8.22 5.51 -4.52
N SER A 41 -6.90 5.45 -4.58
CA SER A 41 -6.15 6.37 -5.42
C SER A 41 -6.17 5.91 -6.88
N PRO A 42 -5.80 6.82 -7.79
CA PRO A 42 -5.49 6.38 -9.15
C PRO A 42 -4.35 5.37 -9.18
N ILE A 43 -4.27 4.60 -10.27
CA ILE A 43 -3.14 3.70 -10.52
C ILE A 43 -2.06 4.41 -11.32
N TYR A 44 -0.82 4.16 -10.95
CA TYR A 44 0.34 4.66 -11.66
C TYR A 44 1.14 3.46 -12.15
N GLU A 45 1.68 3.60 -13.35
CA GLU A 45 2.67 2.66 -13.84
C GLU A 45 4.06 3.21 -13.57
N THR A 46 4.91 2.34 -13.03
CA THR A 46 6.14 2.76 -12.43
C THR A 46 7.26 1.81 -12.84
N ALA A 47 8.41 2.36 -13.20
CA ALA A 47 9.58 1.55 -13.50
C ALA A 47 10.05 0.84 -12.21
N PRO A 48 10.53 -0.41 -12.31
CA PRO A 48 10.92 -1.12 -11.10
C PRO A 48 12.09 -0.45 -10.39
N VAL A 49 11.97 -0.34 -9.07
CA VAL A 49 13.00 0.22 -8.22
C VAL A 49 13.74 -0.89 -7.50
N GLY A 50 15.07 -0.75 -7.49
CA GLY A 50 15.97 -1.74 -6.88
C GLY A 50 16.58 -2.62 -7.93
N TYR A 51 16.12 -3.87 -8.01
CA TYR A 51 16.49 -4.78 -9.09
C TYR A 51 15.67 -4.40 -10.33
N THR A 52 16.33 -4.09 -11.43
CA THR A 52 15.63 -3.53 -12.59
C THR A 52 15.32 -4.54 -13.69
N GLU A 53 15.81 -5.77 -13.57
CA GLU A 53 15.53 -6.79 -14.59
C GLU A 53 14.26 -7.53 -14.23
N GLN A 54 13.18 -6.76 -14.09
CA GLN A 54 11.90 -7.32 -13.73
C GLN A 54 10.82 -6.38 -14.26
N PRO A 55 9.56 -6.83 -14.24
CA PRO A 55 8.57 -6.01 -14.94
C PRO A 55 8.19 -4.69 -14.28
N ASN A 56 7.69 -3.79 -15.11
CA ASN A 56 7.10 -2.54 -14.64
C ASN A 56 5.95 -2.81 -13.69
N PHE A 57 5.81 -1.95 -12.68
CA PHE A 57 4.79 -2.11 -11.67
C PHE A 57 3.56 -1.25 -11.95
N LEU A 58 2.41 -1.72 -11.53
CA LEU A 58 1.28 -0.83 -11.22
C LEU A 58 1.26 -0.67 -9.70
N ASN A 59 1.09 0.57 -9.26
CA ASN A 59 1.01 0.92 -7.84
C ASN A 59 -0.19 1.81 -7.57
N LEU A 60 -0.78 1.67 -6.39
CA LEU A 60 -1.83 2.58 -5.93
C LEU A 60 -1.79 2.60 -4.42
N CYS A 61 -2.62 3.45 -3.85
CA CYS A 61 -2.81 3.46 -2.39
C CYS A 61 -4.30 3.42 -2.09
N VAL A 62 -4.65 2.83 -0.94
CA VAL A 62 -6.01 2.89 -0.44
C VAL A 62 -6.04 3.38 0.99
N GLU A 63 -7.14 4.03 1.32
CA GLU A 63 -7.47 4.31 2.70
C GLU A 63 -8.41 3.21 3.17
N ILE A 64 -8.22 2.78 4.40
CA ILE A 64 -9.17 1.89 5.04
C ILE A 64 -9.66 2.46 6.34
N GLN A 65 -10.87 2.10 6.72
N GLN A 65 -10.87 2.07 6.73
CA GLN A 65 -11.39 2.27 8.07
CA GLN A 65 -11.40 2.28 8.06
C GLN A 65 -11.35 0.88 8.70
C GLN A 65 -11.41 0.90 8.72
N THR A 66 -10.69 0.77 9.83
CA THR A 66 -10.46 -0.54 10.42
C THR A 66 -10.63 -0.55 11.93
N THR A 67 -11.20 -1.65 12.43
CA THR A 67 -11.25 -1.93 13.86
C THR A 67 -10.17 -2.93 14.26
N LEU A 68 -9.34 -3.36 13.31
CA LEU A 68 -8.27 -4.29 13.57
C LEU A 68 -7.05 -3.58 14.17
N THR A 69 -6.31 -4.31 15.00
CA THR A 69 -5.02 -3.85 15.48
C THR A 69 -4.03 -3.86 14.32
N VAL A 70 -2.89 -3.25 14.53
CA VAL A 70 -1.89 -3.19 13.48
C VAL A 70 -1.42 -4.59 13.08
N LEU A 71 -1.24 -5.49 14.04
CA LEU A 71 -0.79 -6.86 13.71
C LEU A 71 -1.87 -7.66 13.01
N GLN A 72 -3.11 -7.51 13.44
CA GLN A 72 -4.26 -8.14 12.74
C GLN A 72 -4.33 -7.62 11.31
N LEU A 73 -4.13 -6.32 11.13
CA LEU A 73 -4.13 -5.72 9.80
C LEU A 73 -2.99 -6.30 8.95
N LEU A 74 -1.78 -6.40 9.51
CA LEU A 74 -0.67 -7.01 8.78
C LEU A 74 -1.01 -8.42 8.30
N GLU A 75 -1.64 -9.21 9.16
N GLU A 75 -1.64 -9.21 9.17
CA GLU A 75 -2.00 -10.57 8.78
CA GLU A 75 -2.05 -10.57 8.84
C GLU A 75 -3.01 -10.60 7.62
C GLU A 75 -3.00 -10.61 7.64
N CYS A 76 -3.94 -9.66 7.61
CA CYS A 76 -4.86 -9.53 6.50
C CYS A 76 -4.14 -9.13 5.20
N CYS A 77 -3.15 -8.27 5.30
CA CYS A 77 -2.38 -7.85 4.12
C CYS A 77 -1.63 -9.05 3.53
N LEU A 78 -0.96 -9.82 4.39
CA LEU A 78 -0.25 -11.02 3.95
C LEU A 78 -1.18 -12.10 3.41
N LYS A 79 -2.33 -12.26 4.04
N LYS A 79 -2.33 -12.27 4.03
CA LYS A 79 -3.34 -13.23 3.58
CA LYS A 79 -3.31 -13.24 3.56
C LYS A 79 -3.83 -12.87 2.17
C LYS A 79 -3.83 -12.88 2.17
N THR A 80 -3.95 -11.57 1.90
CA THR A 80 -4.42 -11.11 0.60
C THR A 80 -3.38 -11.46 -0.47
N GLU A 81 -2.11 -11.27 -0.13
CA GLU A 81 -1.03 -11.66 -1.04
C GLU A 81 -1.11 -13.15 -1.38
N GLU A 82 -1.36 -13.98 -0.36
N GLU A 82 -1.36 -13.97 -0.35
CA GLU A 82 -1.49 -15.41 -0.55
CA GLU A 82 -1.52 -15.42 -0.52
C GLU A 82 -2.69 -15.75 -1.44
C GLU A 82 -2.67 -15.73 -1.45
N CYS A 83 -3.80 -15.04 -1.25
CA CYS A 83 -4.99 -15.19 -2.12
C CYS A 83 -4.70 -14.88 -3.58
N LEU A 84 -3.80 -13.91 -3.82
CA LEU A 84 -3.36 -13.57 -5.17
C LEU A 84 -2.13 -14.38 -5.60
N HIS A 85 -1.85 -15.47 -4.90
CA HIS A 85 -0.82 -16.46 -5.31
C HIS A 85 0.57 -15.87 -5.39
N ARG A 86 0.89 -14.95 -4.47
CA ARG A 86 2.26 -14.51 -4.34
C ARG A 86 3.09 -15.70 -3.88
N ILE A 87 3.86 -16.23 -4.80
CA ILE A 87 4.63 -17.43 -4.51
C ILE A 87 6.06 -16.99 -4.31
N ARG A 88 6.52 -16.10 -5.17
CA ARG A 88 7.82 -15.49 -4.99
C ARG A 88 7.83 -14.73 -3.67
N LYS A 89 8.91 -14.92 -2.92
CA LYS A 89 9.12 -14.21 -1.66
C LYS A 89 10.45 -13.47 -1.57
N GLU A 90 11.25 -13.48 -2.63
CA GLU A 90 12.47 -12.66 -2.71
C GLU A 90 12.01 -11.24 -2.59
N ARG A 91 12.45 -10.54 -1.55
CA ARG A 91 11.97 -9.21 -1.26
C ARG A 91 12.30 -8.24 -2.36
N TRP A 92 13.36 -8.51 -3.11
CA TRP A 92 13.81 -7.62 -4.15
C TRP A 92 13.13 -7.86 -5.50
N GLY A 93 12.47 -9.00 -5.60
CA GLY A 93 12.00 -9.53 -6.88
C GLY A 93 10.52 -9.34 -7.14
N PRO A 94 10.10 -9.85 -8.30
CA PRO A 94 8.72 -9.61 -8.71
C PRO A 94 7.68 -10.27 -7.83
N ARG A 95 6.45 -9.79 -7.94
CA ARG A 95 5.34 -10.31 -7.15
C ARG A 95 4.00 -9.99 -7.82
N THR A 96 3.10 -10.95 -7.71
CA THR A 96 1.71 -10.75 -8.16
C THR A 96 1.00 -9.65 -7.39
N LEU A 97 1.27 -9.57 -6.09
CA LEU A 97 0.66 -8.58 -5.22
C LEU A 97 1.55 -8.32 -4.02
N ASP A 98 1.71 -7.05 -3.69
CA ASP A 98 2.33 -6.57 -2.46
C ASP A 98 1.33 -5.63 -1.79
N VAL A 99 1.04 -5.88 -0.52
CA VAL A 99 0.19 -5.00 0.27
C VAL A 99 1.01 -4.55 1.50
N ASP A 100 1.31 -3.26 1.55
CA ASP A 100 2.16 -2.69 2.59
C ASP A 100 1.35 -1.76 3.47
N ILE A 101 1.57 -1.80 4.77
CA ILE A 101 0.96 -0.83 5.67
C ILE A 101 1.80 0.44 5.64
N LEU A 102 1.22 1.54 5.19
CA LEU A 102 1.93 2.81 5.11
C LEU A 102 1.78 3.64 6.39
N LEU A 103 0.53 3.80 6.83
CA LEU A 103 0.20 4.62 7.99
C LEU A 103 -0.92 3.94 8.75
N TYR A 104 -0.87 4.06 10.07
CA TYR A 104 -1.92 3.61 10.96
C TYR A 104 -2.19 4.74 11.93
N GLY A 105 -3.11 5.63 11.58
CA GLY A 105 -3.21 6.89 12.29
C GLY A 105 -1.88 7.59 12.41
N GLU A 106 -1.61 8.16 13.57
CA GLU A 106 -0.33 8.81 13.84
C GLU A 106 0.58 7.91 14.66
N GLU A 107 0.23 6.64 14.75
CA GLU A 107 1.00 5.69 15.56
C GLU A 107 2.31 5.31 14.87
N MET A 108 3.31 4.97 15.67
N MET A 108 3.32 4.97 15.67
CA MET A 108 4.63 4.62 15.18
CA MET A 108 4.64 4.61 15.19
C MET A 108 5.15 3.40 15.91
C MET A 108 5.13 3.38 15.92
N ILE A 109 5.75 2.47 15.16
CA ILE A 109 6.37 1.27 15.72
C ILE A 109 7.50 0.88 14.80
N ASP A 110 8.58 0.36 15.39
CA ASP A 110 9.73 -0.14 14.64
C ASP A 110 10.18 -1.46 15.25
N LEU A 111 9.31 -2.46 15.14
CA LEU A 111 9.67 -3.82 15.53
C LEU A 111 10.61 -4.38 14.50
N PRO A 112 11.42 -5.40 14.87
CA PRO A 112 12.33 -5.93 13.86
C PRO A 112 11.66 -6.22 12.53
N LYS A 113 10.44 -6.75 12.55
CA LYS A 113 9.73 -7.16 11.33
C LYS A 113 8.49 -6.32 11.00
N LEU A 114 8.31 -5.19 11.66
CA LEU A 114 7.17 -4.32 11.32
C LEU A 114 7.46 -2.89 11.70
N SER A 115 7.53 -2.02 10.70
CA SER A 115 7.73 -0.61 10.91
C SER A 115 6.55 0.11 10.26
N VAL A 116 5.86 0.89 11.09
CA VAL A 116 4.76 1.75 10.61
C VAL A 116 4.98 3.09 11.32
N PRO A 117 4.96 4.23 10.59
CA PRO A 117 4.83 4.37 9.14
C PRO A 117 5.88 3.57 8.41
N HIS A 118 5.53 3.13 7.20
CA HIS A 118 6.46 2.37 6.41
C HIS A 118 7.73 3.19 6.27
N PRO A 119 8.89 2.61 6.61
CA PRO A 119 10.06 3.48 6.76
C PRO A 119 10.72 3.91 5.46
N ARG A 120 10.26 3.36 4.31
CA ARG A 120 10.79 3.73 3.03
C ARG A 120 9.84 4.58 2.22
N MET A 121 8.66 4.87 2.76
CA MET A 121 7.66 5.60 1.97
C MET A 121 8.09 7.01 1.56
N ASN A 122 8.81 7.72 2.42
CA ASN A 122 9.07 9.11 2.12
C ASN A 122 10.07 9.37 0.98
N GLU A 123 10.75 8.33 0.50
CA GLU A 123 11.63 8.52 -0.65
C GLU A 123 11.17 7.69 -1.87
N ARG A 124 9.92 7.23 -1.86
CA ARG A 124 9.35 6.47 -2.99
C ARG A 124 8.24 7.24 -3.65
N ALA A 125 8.48 7.70 -4.87
CA ALA A 125 7.41 8.39 -5.61
C ALA A 125 6.27 7.44 -5.94
N PHE A 126 6.56 6.13 -6.10
CA PHE A 126 5.52 5.15 -6.41
C PHE A 126 4.54 4.96 -5.24
N VAL A 127 4.91 5.46 -4.06
CA VAL A 127 4.03 5.55 -2.90
C VAL A 127 3.44 6.95 -2.74
N LEU A 128 4.32 7.96 -2.66
CA LEU A 128 3.87 9.30 -2.29
C LEU A 128 2.94 9.94 -3.33
N ILE A 129 3.14 9.65 -4.61
CA ILE A 129 2.29 10.25 -5.64
C ILE A 129 0.83 9.76 -5.52
N PRO A 130 0.60 8.45 -5.55
CA PRO A 130 -0.79 8.01 -5.28
C PRO A 130 -1.27 8.33 -3.87
N LEU A 131 -0.38 8.34 -2.87
CA LEU A 131 -0.84 8.64 -1.53
C LEU A 131 -1.32 10.08 -1.42
N ASN A 132 -0.57 11.00 -2.02
CA ASN A 132 -0.95 12.41 -2.04
C ASN A 132 -2.28 12.62 -2.72
N ASP A 133 -2.61 11.77 -3.69
CA ASP A 133 -3.89 11.92 -4.38
C ASP A 133 -5.08 11.75 -3.45
N ILE A 134 -4.94 10.89 -2.41
CA ILE A 134 -6.03 10.59 -1.45
C ILE A 134 -5.79 11.13 -0.03
N ALA A 135 -4.56 11.55 0.28
CA ALA A 135 -4.16 11.81 1.69
C ALA A 135 -3.23 13.02 1.82
N ALA A 136 -3.42 14.00 0.96
CA ALA A 136 -2.58 15.20 0.90
C ALA A 136 -2.38 15.88 2.25
N ASN A 137 -3.44 15.96 3.04
CA ASN A 137 -3.37 16.66 4.33
C ASN A 137 -3.09 15.78 5.55
N VAL A 138 -2.83 14.50 5.33
CA VAL A 138 -2.56 13.58 6.41
C VAL A 138 -1.13 13.76 6.85
N VAL A 139 -0.92 13.82 8.17
CA VAL A 139 0.41 13.93 8.73
C VAL A 139 1.11 12.57 8.84
N GLU A 140 2.32 12.52 8.31
CA GLU A 140 3.22 11.36 8.43
C GLU A 140 3.99 11.56 9.74
N PRO A 141 3.78 10.67 10.75
CA PRO A 141 4.26 11.03 12.11
C PRO A 141 5.78 11.01 12.36
N ARG A 142 6.58 10.36 11.52
CA ARG A 142 8.05 10.39 11.68
C ARG A 142 8.58 11.78 11.36
N SER A 143 8.27 12.27 10.16
CA SER A 143 8.67 13.59 9.70
C SER A 143 7.84 14.69 10.31
N LYS A 144 6.60 14.36 10.73
CA LYS A 144 5.60 15.33 11.19
C LYS A 144 5.19 16.32 10.10
N LEU A 145 5.34 15.90 8.85
CA LEU A 145 4.92 16.68 7.69
C LEU A 145 3.70 16.04 7.06
N LYS A 146 2.85 16.88 6.47
N LYS A 146 2.84 16.89 6.47
CA LYS A 146 1.75 16.41 5.63
CA LYS A 146 1.73 16.39 5.65
C LYS A 146 2.30 15.77 4.37
C LYS A 146 2.28 15.78 4.37
N VAL A 147 1.55 14.81 3.84
CA VAL A 147 1.96 14.12 2.62
C VAL A 147 2.20 15.12 1.49
N LYS A 148 1.35 16.14 1.37
CA LYS A 148 1.54 17.13 0.31
C LYS A 148 2.88 17.89 0.41
N ASP A 149 3.50 17.86 1.58
CA ASP A 149 4.82 18.48 1.79
C ASP A 149 5.99 17.49 1.68
N LEU A 150 5.68 16.22 1.50
CA LEU A 150 6.66 15.17 1.23
C LEU A 150 6.73 14.79 -0.24
N VAL A 151 5.58 14.83 -0.92
CA VAL A 151 5.52 14.40 -2.32
C VAL A 151 6.43 15.20 -3.23
N PHE A 152 6.98 14.52 -4.23
CA PHE A 152 7.88 15.13 -5.23
C PHE A 152 7.64 14.59 -6.65
N VAL A 153 8.08 15.36 -7.65
CA VAL A 153 8.01 14.96 -9.07
C VAL A 153 8.92 13.77 -9.39
N ASP A 154 8.42 12.82 -10.18
CA ASP A 154 9.23 11.68 -10.63
C ASP A 154 8.69 11.18 -11.97
N ASP A 155 9.54 11.28 -12.99
CA ASP A 155 9.16 10.96 -14.37
C ASP A 155 8.98 9.47 -14.60
N SER A 156 9.56 8.65 -13.72
CA SER A 156 9.41 7.20 -13.83
C SER A 156 8.03 6.74 -13.34
N VAL A 157 7.21 7.68 -12.84
CA VAL A 157 5.86 7.38 -12.36
C VAL A 157 4.87 8.04 -13.31
N LYS A 158 4.09 7.22 -13.99
CA LYS A 158 3.18 7.70 -15.01
C LYS A 158 1.75 7.36 -14.67
N ARG A 159 0.84 8.29 -14.94
CA ARG A 159 -0.56 8.02 -14.81
C ARG A 159 -0.93 6.83 -15.72
N TYR A 160 -1.61 5.85 -15.16
CA TYR A 160 -2.00 4.66 -15.89
C TYR A 160 -3.48 4.66 -16.09
N LYS A 161 -3.92 4.14 -17.23
CA LYS A 161 -5.32 3.79 -17.45
C LYS A 161 -6.03 4.96 -18.10
MG MG B . 6.44 -3.21 -0.62
MG MG C . 5.34 -5.79 1.15
PG APC D . 8.89 -2.90 1.19
O1G APC D . 10.17 -2.08 1.40
O2G APC D . 8.23 -3.33 2.49
O3G APC D . 8.00 -2.26 0.21
PB APC D . 8.46 -5.48 0.13
O1B APC D . 7.02 -4.99 0.15
O2B APC D . 8.93 -6.04 -1.29
O3B APC D . 9.42 -4.25 0.49
PA APC D . 7.62 -8.03 1.53
O1A APC D . 6.26 -7.64 1.04
O2A APC D . 8.32 -9.16 0.63
C3A APC D . 8.73 -6.63 1.49
O5' APC D . 7.33 -8.41 3.07
C5' APC D . 8.28 -8.94 3.94
C4' APC D . 7.98 -8.46 5.36
O4' APC D . 8.11 -7.03 5.45
C3' APC D . 6.61 -8.72 5.95
O3' APC D . 6.32 -10.09 6.28
C2' APC D . 6.72 -7.83 7.19
O2' APC D . 7.25 -8.57 8.31
C1' APC D . 7.73 -6.77 6.78
N9 APC D . 7.20 -5.41 7.00
C8 APC D . 7.77 -4.52 7.83
N7 APC D . 7.07 -3.38 7.88
C5 APC D . 5.98 -3.57 7.07
C6 APC D . 4.82 -2.74 6.68
N6 APC D . 4.67 -1.49 7.16
N1 APC D . 3.96 -3.32 5.83
C2 APC D . 4.09 -4.57 5.35
N3 APC D . 5.12 -5.36 5.65
C4 APC D . 6.06 -4.91 6.50
N NO3 E . 4.85 -14.14 -7.70
O1 NO3 E . 4.34 -13.49 -6.63
O2 NO3 E . 5.18 -13.51 -8.68
O3 NO3 E . 4.96 -15.53 -7.60
C22 X6L F . 18.62 0.79 -3.00
C21 X6L F . 17.66 1.37 -3.78
C23 X6L F . 18.32 -0.38 -2.36
C20 X6L F . 16.42 0.80 -3.90
C24 X6L F . 17.07 -0.96 -2.49
C15 X6L F . 14.61 -2.37 -3.22
C17 X6L F . 13.62 -0.23 -3.36
C14 X6L F . 13.35 -2.93 -3.17
C18 X6L F . 12.37 -0.78 -3.30
C19 X6L F . 16.10 -0.38 -3.27
C16 X6L F . 14.78 -1.01 -3.32
C13 X6L F . 12.23 -2.15 -3.19
C5 X6L F . 8.21 -2.04 -6.22
C4 X6L F . 9.27 -1.65 -6.95
C7 X6L F . 9.77 -3.36 -5.69
C25 X6L F . 6.97 -1.32 -6.38
C2 X6L F . 8.26 -0.04 -8.00
C11 X6L F . 10.88 -2.73 -3.09
C10 X6L F . 10.61 -4.18 -3.31
N6 X6L F . 8.51 -3.11 -5.41
N3 X6L F . 9.38 -0.67 -7.85
N8 X6L F . 10.30 -2.49 -6.59
N27 X6L F . 7.10 -0.33 -7.33
N1 X6L F . 8.13 0.97 -8.88
O26 X6L F . 5.93 -1.57 -5.80
O12 X6L F . 9.95 -2.03 -2.78
S9 X6L F . 10.76 -4.63 -5.02
#